data_2YAC
#
_entry.id   2YAC
#
_cell.length_a   66.595
_cell.length_b   66.595
_cell.length_c   154.035
_cell.angle_alpha   90.00
_cell.angle_beta   90.00
_cell.angle_gamma   120.00
#
_symmetry.space_group_name_H-M   'P 32 2 1'
#
loop_
_entity.id
_entity.type
_entity.pdbx_description
1 polymer 'SERINE/THREONINE-PROTEIN KINASE PLK1'
2 non-polymer 1-(2-HYDROXYETHYL)-8-[[5-(4-METHYLPIPERAZIN-1-YL)-2-(TRIFLUOROMETHOXY)PHENYL]AMINO]-4,5-DIHYDROPYRIMIDO[5,4-G]INDAZOLE-3-CARBOXAMIDE
3 non-polymer 'ZINC ION'
4 non-polymer 'L(+)-TARTARIC ACID'
5 water water
#
_entity_poly.entity_id   1
_entity_poly.type   'polypeptide(L)'
_entity_poly.pdbx_seq_one_letter_code
;GPAKEIPEVLVDPRSRRRYVRGRFLGKGGFAKCFEISDADTKEVFAGKIVPKSLLLKPHQREKMSMEISIHRSLAHQHVV
GFHGFFEDNDFVFVVLELCRRRSLLELHKRRKALTEPEARYYLRQIVLGCQYLHRNRVIHRDLKLGNLFLNEDLEVKIGD
FGLATKVEYDGERKKTLCGTPNYIAPEVLSKKGHSFEVDVWSIGCIMYTLLVGKPPFETSCLKETYLRIKKNEYSIPKHI
NPVAASLIQKMLQTDPTARPTINELLNDEFFTSGYIPARLPITCLTIPPRFSIAPSSLDPSNRKPLTVLNK
;
_entity_poly.pdbx_strand_id   A
#
loop_
_chem_comp.id
_chem_comp.type
_chem_comp.name
_chem_comp.formula
937 non-polymer 1-(2-HYDROXYETHYL)-8-[[5-(4-METHYLPIPERAZIN-1-YL)-2-(TRIFLUOROMETHOXY)PHENYL]AMINO]-4,5-DIHYDROPYRIMIDO[5,4-G]INDAZOLE-3-CARBOXAMIDE 'C24 H27 F3 N8 O3'
TLA non-polymer 'L(+)-TARTARIC ACID' 'C4 H6 O6'
ZN non-polymer 'ZINC ION' 'Zn 2'
#
# COMPACT_ATOMS: atom_id res chain seq x y z
N GLU A 5 -23.47 -14.16 -5.11
CA GLU A 5 -23.66 -15.64 -5.10
C GLU A 5 -22.89 -16.22 -3.92
N ILE A 6 -22.27 -15.32 -3.15
CA ILE A 6 -21.36 -15.71 -2.09
C ILE A 6 -22.02 -16.38 -0.89
N PRO A 7 -21.51 -17.53 -0.46
CA PRO A 7 -22.11 -18.19 0.70
C PRO A 7 -22.18 -17.27 1.92
N GLU A 8 -23.11 -17.54 2.82
CA GLU A 8 -23.26 -16.76 4.04
C GLU A 8 -22.25 -17.23 5.08
N VAL A 9 -21.89 -18.50 5.04
CA VAL A 9 -20.78 -18.97 5.86
C VAL A 9 -19.66 -19.50 5.00
N LEU A 10 -18.44 -19.15 5.37
CA LEU A 10 -17.26 -19.54 4.62
C LEU A 10 -16.60 -20.68 5.36
N VAL A 11 -16.62 -21.87 4.76
CA VAL A 11 -16.05 -23.02 5.43
C VAL A 11 -14.75 -23.46 4.76
N ASP A 12 -13.75 -23.71 5.59
CA ASP A 12 -12.46 -24.14 5.10
C ASP A 12 -12.21 -25.61 5.52
N PRO A 13 -12.50 -26.55 4.61
CA PRO A 13 -12.12 -27.94 4.88
C PRO A 13 -10.60 -28.00 4.86
N ARG A 14 -10.01 -28.58 5.91
CA ARG A 14 -8.57 -28.72 6.03
C ARG A 14 -8.09 -27.94 7.21
N SER A 15 -8.75 -26.81 7.48
CA SER A 15 -8.47 -26.05 8.69
C SER A 15 -9.61 -26.31 9.67
N ARG A 16 -10.73 -26.76 9.13
CA ARG A 16 -11.97 -26.93 9.88
C ARG A 16 -12.73 -25.62 9.98
N ARG A 17 -12.00 -24.52 10.12
CA ARG A 17 -12.61 -23.25 10.49
C ARG A 17 -13.77 -22.78 9.61
N ARG A 18 -14.74 -22.13 10.25
CA ARG A 18 -15.87 -21.58 9.54
C ARG A 18 -15.92 -20.08 9.80
N TYR A 19 -16.48 -19.34 8.85
CA TYR A 19 -16.50 -17.90 8.98
C TYR A 19 -17.87 -17.39 8.60
N VAL A 20 -18.45 -16.57 9.47
CA VAL A 20 -19.72 -15.96 9.10
C VAL A 20 -19.39 -14.73 8.30
N ARG A 21 -20.02 -14.60 7.13
CA ARG A 21 -19.82 -13.39 6.35
C ARG A 21 -20.60 -12.26 6.99
N GLY A 22 -20.05 -11.04 6.90
CA GLY A 22 -20.57 -9.88 7.58
C GLY A 22 -20.60 -8.68 6.65
N ARG A 23 -20.14 -7.51 7.12
CA ARG A 23 -20.32 -6.31 6.31
C ARG A 23 -19.34 -6.12 5.15
N PHE A 24 -19.88 -5.62 4.05
CA PHE A 24 -19.11 -5.20 2.88
C PHE A 24 -18.12 -4.12 3.30
N LEU A 25 -16.93 -4.13 2.72
CA LEU A 25 -15.96 -3.08 2.96
C LEU A 25 -15.63 -2.37 1.66
N GLY A 26 -15.74 -3.08 0.55
CA GLY A 26 -15.39 -2.47 -0.70
C GLY A 26 -15.00 -3.49 -1.74
N LYS A 27 -14.65 -3.01 -2.93
CA LYS A 27 -14.38 -3.88 -4.04
C LYS A 27 -13.25 -3.33 -4.91
N GLY A 28 -12.18 -4.11 -5.04
CA GLY A 28 -11.08 -3.72 -5.89
C GLY A 28 -10.64 -4.88 -6.78
N GLY A 29 -10.77 -4.68 -8.08
CA GLY A 29 -10.37 -5.70 -9.03
C GLY A 29 -11.43 -6.76 -9.12
N PHE A 30 -11.02 -8.02 -9.06
CA PHE A 30 -11.98 -9.11 -9.07
C PHE A 30 -12.52 -9.40 -7.68
N ALA A 31 -12.05 -8.66 -6.67
CA ALA A 31 -12.38 -9.02 -5.29
C ALA A 31 -13.48 -8.17 -4.65
N LYS A 32 -14.18 -8.76 -3.70
CA LYS A 32 -15.02 -8.04 -2.76
C LYS A 32 -14.52 -8.39 -1.37
N CYS A 33 -14.50 -7.41 -0.47
CA CYS A 33 -14.00 -7.66 0.88
C CYS A 33 -15.10 -7.52 1.92
N PHE A 34 -15.08 -8.41 2.88
CA PHE A 34 -16.11 -8.44 3.90
C PHE A 34 -15.46 -8.67 5.23
N GLU A 35 -16.07 -8.08 6.25
CA GLU A 35 -15.78 -8.48 7.61
C GLU A 35 -16.31 -9.91 7.69
N ILE A 36 -15.56 -10.78 8.34
CA ILE A 36 -15.97 -12.14 8.59
C ILE A 36 -15.46 -12.46 9.98
N SER A 37 -16.03 -13.47 10.63
CA SER A 37 -15.51 -13.88 11.94
C SER A 37 -15.52 -15.38 12.11
N ASP A 38 -14.45 -15.88 12.70
CA ASP A 38 -14.31 -17.29 12.92
C ASP A 38 -15.45 -17.76 13.84
N ALA A 39 -16.49 -18.33 13.22
CA ALA A 39 -17.70 -18.72 13.94
C ALA A 39 -17.40 -19.35 15.32
N ASP A 40 -16.25 -20.01 15.44
CA ASP A 40 -15.84 -20.50 16.75
C ASP A 40 -15.20 -19.43 17.64
N THR A 41 -13.92 -19.11 17.38
CA THR A 41 -13.15 -18.21 18.24
C THR A 41 -13.66 -16.78 18.17
N LYS A 42 -14.67 -16.56 17.34
CA LYS A 42 -15.32 -15.27 17.24
C LYS A 42 -14.36 -14.15 16.82
N GLU A 43 -13.11 -14.51 16.57
CA GLU A 43 -12.12 -13.56 16.07
C GLU A 43 -12.55 -13.01 14.71
N VAL A 44 -12.30 -11.72 14.50
CA VAL A 44 -12.80 -11.00 13.32
C VAL A 44 -11.70 -10.81 12.29
N PHE A 45 -12.10 -10.87 11.03
CA PHE A 45 -11.14 -10.80 9.94
C PHE A 45 -11.67 -10.01 8.75
N ALA A 46 -10.75 -9.65 7.87
CA ALA A 46 -11.12 -9.17 6.56
C ALA A 46 -11.04 -10.35 5.62
N GLY A 47 -12.12 -10.54 4.85
CA GLY A 47 -12.16 -11.62 3.88
C GLY A 47 -12.24 -11.11 2.45
N LYS A 48 -11.27 -11.53 1.63
CA LYS A 48 -11.22 -11.13 0.25
C LYS A 48 -11.65 -12.27 -0.64
N ILE A 49 -12.70 -12.03 -1.43
CA ILE A 49 -13.48 -13.08 -2.04
C ILE A 49 -13.51 -12.86 -3.54
N VAL A 50 -12.81 -13.73 -4.28
CA VAL A 50 -12.79 -13.60 -5.72
C VAL A 50 -13.58 -14.72 -6.38
N PRO A 51 -14.50 -14.36 -7.26
CA PRO A 51 -15.26 -15.35 -8.02
C PRO A 51 -14.41 -16.00 -9.12
N LYS A 52 -14.38 -17.33 -9.11
CA LYS A 52 -13.69 -18.08 -10.16
C LYS A 52 -14.24 -17.81 -11.56
N SER A 53 -15.41 -17.17 -11.63
CA SER A 53 -16.02 -16.84 -12.91
C SER A 53 -15.28 -15.70 -13.60
N LEU A 54 -14.48 -14.98 -12.83
CA LEU A 54 -13.62 -13.94 -13.40
C LEU A 54 -12.19 -14.44 -13.49
N LEU A 55 -12.00 -15.75 -13.33
CA LEU A 55 -10.66 -16.34 -13.32
C LEU A 55 -10.55 -17.48 -14.35
N LEU A 56 -11.32 -17.40 -15.43
CA LEU A 56 -11.34 -18.45 -16.44
C LEU A 56 -10.04 -18.54 -17.23
N LYS A 57 -9.35 -17.42 -17.38
CA LYS A 57 -8.10 -17.45 -18.15
C LYS A 57 -6.93 -17.85 -17.26
N PRO A 58 -6.04 -18.69 -17.78
CA PRO A 58 -4.87 -19.05 -16.97
C PRO A 58 -4.03 -17.86 -16.48
N HIS A 59 -3.91 -16.83 -17.31
CA HIS A 59 -3.16 -15.65 -16.93
C HIS A 59 -3.76 -14.93 -15.71
N GLN A 60 -5.08 -14.86 -15.62
CA GLN A 60 -5.72 -14.23 -14.48
C GLN A 60 -5.58 -15.13 -13.26
N ARG A 61 -5.67 -16.44 -13.46
CA ARG A 61 -5.47 -17.37 -12.36
C ARG A 61 -4.09 -17.26 -11.75
N GLU A 62 -3.07 -17.16 -12.60
CA GLU A 62 -1.70 -17.15 -12.11
C GLU A 62 -1.45 -15.91 -11.26
N LYS A 63 -2.08 -14.82 -11.64
CA LYS A 63 -1.94 -13.58 -10.88
C LYS A 63 -2.54 -13.70 -9.50
N MET A 64 -3.77 -14.19 -9.43
CA MET A 64 -4.41 -14.48 -8.17
C MET A 64 -3.47 -15.39 -7.36
N SER A 65 -2.94 -16.40 -8.02
CA SER A 65 -2.07 -17.36 -7.37
C SER A 65 -0.79 -16.72 -6.86
N MET A 66 -0.19 -15.88 -7.70
CA MET A 66 1.02 -15.21 -7.32
C MET A 66 0.81 -14.27 -6.13
N GLU A 67 -0.37 -13.66 -6.02
CA GLU A 67 -0.64 -12.74 -4.91
C GLU A 67 -0.69 -13.45 -3.55
N ILE A 68 -1.36 -14.60 -3.53
CA ILE A 68 -1.43 -15.45 -2.36
C ILE A 68 -0.04 -15.95 -1.99
N SER A 69 0.66 -16.49 -2.97
CA SER A 69 2.03 -16.93 -2.78
C SER A 69 2.95 -15.88 -2.14
N ILE A 70 2.90 -14.65 -2.63
CA ILE A 70 3.70 -13.60 -2.03
C ILE A 70 3.16 -13.21 -0.66
N HIS A 71 1.86 -12.95 -0.59
CA HIS A 71 1.29 -12.41 0.63
C HIS A 71 1.43 -13.42 1.80
N ARG A 72 1.23 -14.69 1.48
CA ARG A 72 1.32 -15.76 2.46
C ARG A 72 2.68 -15.83 3.14
N SER A 73 3.72 -15.40 2.44
CA SER A 73 5.09 -15.54 2.92
C SER A 73 5.53 -14.39 3.79
N LEU A 74 4.61 -13.49 4.13
CA LEU A 74 5.00 -12.24 4.76
C LEU A 74 4.37 -12.12 6.13
N ALA A 75 5.15 -11.69 7.11
CA ALA A 75 4.62 -11.36 8.43
C ALA A 75 5.40 -10.17 8.99
N HIS A 76 4.70 -9.11 9.31
CA HIS A 76 5.35 -7.90 9.80
C HIS A 76 4.30 -6.90 10.29
N GLN A 77 4.65 -6.18 11.34
CA GLN A 77 3.76 -5.20 12.02
C GLN A 77 3.06 -4.21 11.07
N HIS A 78 3.72 -3.87 9.97
CA HIS A 78 3.16 -2.90 9.05
C HIS A 78 2.86 -3.48 7.69
N VAL A 79 2.63 -4.80 7.66
CA VAL A 79 2.02 -5.48 6.52
C VAL A 79 0.75 -6.17 6.98
N VAL A 80 -0.27 -6.11 6.12
CA VAL A 80 -1.56 -6.71 6.42
C VAL A 80 -1.37 -8.20 6.63
N GLY A 81 -1.73 -8.67 7.82
CA GLY A 81 -1.51 -10.07 8.16
C GLY A 81 -2.27 -11.05 7.30
N PHE A 82 -1.59 -12.10 6.87
CA PHE A 82 -2.21 -13.15 6.07
C PHE A 82 -2.56 -14.31 7.00
N HIS A 83 -3.83 -14.67 7.06
CA HIS A 83 -4.25 -15.70 8.00
C HIS A 83 -4.82 -16.93 7.30
N GLY A 84 -4.89 -16.92 5.98
CA GLY A 84 -5.11 -18.14 5.25
C GLY A 84 -5.93 -17.94 4.00
N PHE A 85 -6.11 -19.01 3.25
CA PHE A 85 -6.98 -18.95 2.09
C PHE A 85 -7.58 -20.33 1.82
N PHE A 86 -8.66 -20.35 1.07
CA PHE A 86 -9.22 -21.60 0.62
C PHE A 86 -10.20 -21.28 -0.49
N GLU A 87 -10.75 -22.31 -1.11
CA GLU A 87 -11.66 -22.09 -2.21
C GLU A 87 -12.72 -23.17 -2.21
N ASP A 88 -13.90 -22.82 -2.69
CA ASP A 88 -14.88 -23.80 -3.11
C ASP A 88 -14.81 -23.79 -4.62
N ASN A 89 -15.87 -24.24 -5.28
CA ASN A 89 -15.80 -24.34 -6.73
C ASN A 89 -16.17 -23.07 -7.45
N ASP A 90 -16.64 -22.07 -6.72
CA ASP A 90 -17.00 -20.81 -7.37
C ASP A 90 -16.21 -19.59 -6.89
N PHE A 91 -15.49 -19.73 -5.79
CA PHE A 91 -14.80 -18.60 -5.18
C PHE A 91 -13.43 -18.94 -4.66
N VAL A 92 -12.54 -17.95 -4.67
CA VAL A 92 -11.38 -18.03 -3.81
C VAL A 92 -11.64 -17.12 -2.61
N PHE A 93 -11.29 -17.62 -1.43
CA PHE A 93 -11.44 -16.84 -0.21
C PHE A 93 -10.06 -16.61 0.39
N VAL A 94 -9.77 -15.36 0.75
CA VAL A 94 -8.53 -15.09 1.43
C VAL A 94 -8.85 -14.39 2.75
N VAL A 95 -8.34 -14.94 3.85
CA VAL A 95 -8.63 -14.38 5.17
C VAL A 95 -7.47 -13.51 5.62
N LEU A 96 -7.72 -12.20 5.73
CA LEU A 96 -6.69 -11.21 6.07
C LEU A 96 -6.95 -10.50 7.40
N GLU A 97 -5.88 -9.96 7.99
CA GLU A 97 -5.95 -9.04 9.15
C GLU A 97 -6.93 -7.90 8.88
N LEU A 98 -7.90 -7.68 9.77
CA LEU A 98 -8.87 -6.61 9.54
C LEU A 98 -8.33 -5.27 10.03
N CYS A 99 -8.48 -4.24 9.19
CA CYS A 99 -8.03 -2.91 9.60
C CYS A 99 -9.22 -1.99 9.81
N ARG A 100 -9.52 -1.72 11.07
CA ARG A 100 -10.81 -1.14 11.43
C ARG A 100 -10.87 0.34 11.12
N ARG A 101 -9.74 0.95 10.78
CA ARG A 101 -9.77 2.36 10.40
C ARG A 101 -9.48 2.61 8.93
N ARG A 102 -9.88 1.67 8.09
CA ARG A 102 -9.87 1.90 6.64
C ARG A 102 -8.46 2.18 6.10
N SER A 103 -8.25 3.23 5.32
CA SER A 103 -6.92 3.45 4.75
C SER A 103 -6.51 4.91 4.74
N LEU A 104 -5.24 5.16 4.39
CA LEU A 104 -4.79 6.54 4.33
C LEU A 104 -5.57 7.31 3.29
N LEU A 105 -6.29 6.62 2.38
CA LEU A 105 -7.03 7.34 1.35
C LEU A 105 -8.21 8.08 1.99
N GLU A 106 -8.89 7.43 2.92
CA GLU A 106 -10.07 8.02 3.52
C GLU A 106 -9.64 9.11 4.46
N LEU A 107 -8.48 8.93 5.08
CA LEU A 107 -7.93 9.99 5.93
C LEU A 107 -7.64 11.20 5.07
N HIS A 108 -6.97 10.98 3.94
CA HIS A 108 -6.57 12.10 3.09
C HIS A 108 -7.78 12.83 2.49
N LYS A 109 -8.83 12.07 2.18
CA LYS A 109 -10.05 12.71 1.71
C LYS A 109 -10.64 13.63 2.76
N ARG A 110 -10.50 13.26 4.03
CA ARG A 110 -11.10 14.05 5.09
C ARG A 110 -10.23 15.21 5.55
N ARG A 111 -8.92 15.04 5.49
CA ARG A 111 -7.99 16.05 6.05
C ARG A 111 -7.16 16.76 4.98
N LYS A 112 -7.23 16.33 3.73
CA LYS A 112 -6.20 16.74 2.78
C LYS A 112 -4.84 16.82 3.49
N ALA A 113 -4.10 17.93 3.32
CA ALA A 113 -2.73 18.00 3.83
C ALA A 113 -2.61 17.78 5.34
N LEU A 114 -1.71 16.89 5.73
CA LEU A 114 -1.46 16.59 7.14
C LEU A 114 -0.38 17.53 7.71
N THR A 115 -0.28 17.60 9.03
CA THR A 115 0.87 18.26 9.66
C THR A 115 2.16 17.44 9.49
N GLU A 116 3.30 18.09 9.46
CA GLU A 116 4.54 17.35 9.26
C GLU A 116 4.67 16.15 10.21
N PRO A 117 4.45 16.37 11.51
CA PRO A 117 4.55 15.25 12.46
C PRO A 117 3.69 14.04 12.07
N GLU A 118 2.46 14.29 11.63
CA GLU A 118 1.63 13.20 11.15
C GLU A 118 2.26 12.52 9.95
N ALA A 119 2.90 13.30 9.10
CA ALA A 119 3.43 12.73 7.88
C ALA A 119 4.68 11.88 8.19
N ARG A 120 5.55 12.38 9.06
CA ARG A 120 6.66 11.62 9.62
C ARG A 120 6.16 10.31 10.20
N TYR A 121 5.08 10.40 10.98
CA TYR A 121 4.58 9.24 11.69
C TYR A 121 4.15 8.16 10.71
N TYR A 122 3.31 8.52 9.76
CA TYR A 122 2.85 7.53 8.78
C TYR A 122 3.96 7.08 7.82
N LEU A 123 4.76 8.01 7.31
CA LEU A 123 5.81 7.63 6.39
C LEU A 123 6.79 6.65 7.07
N ARG A 124 7.13 6.90 8.34
CA ARG A 124 7.99 5.96 9.03
C ARG A 124 7.45 4.53 8.91
N GLN A 125 6.17 4.38 9.17
CA GLN A 125 5.60 3.04 9.20
C GLN A 125 5.51 2.44 7.81
N ILE A 126 5.17 3.28 6.83
CA ILE A 126 5.16 2.85 5.45
C ILE A 126 6.54 2.34 5.12
N VAL A 127 7.57 3.11 5.51
CA VAL A 127 8.94 2.76 5.17
C VAL A 127 9.41 1.49 5.86
N LEU A 128 9.00 1.30 7.12
CA LEU A 128 9.40 0.10 7.83
C LEU A 128 8.74 -1.11 7.17
N GLY A 129 7.49 -0.93 6.75
CA GLY A 129 6.79 -2.02 6.10
C GLY A 129 7.53 -2.37 4.83
N CYS A 130 7.99 -1.35 4.14
CA CYS A 130 8.57 -1.55 2.83
C CYS A 130 10.02 -2.08 2.93
N GLN A 131 10.74 -1.67 3.97
CA GLN A 131 12.06 -2.21 4.27
C GLN A 131 11.94 -3.71 4.46
N TYR A 132 10.92 -4.11 5.20
CA TYR A 132 10.67 -5.52 5.34
C TYR A 132 10.47 -6.19 3.98
N LEU A 133 9.56 -5.66 3.15
CA LEU A 133 9.35 -6.25 1.82
C LEU A 133 10.63 -6.32 0.98
N HIS A 134 11.41 -5.26 0.97
CA HIS A 134 12.59 -5.32 0.13
C HIS A 134 13.62 -6.30 0.67
N ARG A 135 13.74 -6.36 1.99
CA ARG A 135 14.59 -7.33 2.66
C ARG A 135 14.23 -8.74 2.16
N ASN A 136 12.96 -8.95 1.87
CA ASN A 136 12.52 -10.26 1.39
C ASN A 136 12.37 -10.31 -0.11
N ARG A 137 12.95 -9.33 -0.79
CA ARG A 137 13.02 -9.34 -2.25
C ARG A 137 11.66 -9.24 -2.93
N VAL A 138 10.69 -8.68 -2.23
CA VAL A 138 9.38 -8.38 -2.78
C VAL A 138 9.30 -6.89 -3.13
N ILE A 139 8.95 -6.58 -4.39
CA ILE A 139 8.54 -5.22 -4.74
C ILE A 139 7.00 -5.19 -4.72
N HIS A 140 6.42 -4.15 -4.12
CA HIS A 140 4.95 -4.09 -4.01
C HIS A 140 4.37 -3.60 -5.33
N ARG A 141 4.89 -2.46 -5.75
CA ARG A 141 4.64 -1.89 -7.08
C ARG A 141 3.37 -1.09 -7.22
N ASP A 142 2.56 -1.03 -6.18
CA ASP A 142 1.40 -0.17 -6.22
C ASP A 142 1.11 0.48 -4.87
N LEU A 143 2.17 0.95 -4.20
CA LEU A 143 1.99 1.61 -2.94
C LEU A 143 1.29 2.95 -3.20
N LYS A 144 0.12 3.08 -2.61
CA LYS A 144 -0.69 4.29 -2.73
C LYS A 144 -1.54 4.35 -1.49
N LEU A 145 -2.31 5.44 -1.38
CA LEU A 145 -3.00 5.74 -0.13
C LEU A 145 -4.03 4.67 0.22
N GLY A 146 -4.79 4.22 -0.78
CA GLY A 146 -5.86 3.28 -0.52
C GLY A 146 -5.39 1.85 -0.28
N ASN A 147 -4.09 1.64 -0.44
CA ASN A 147 -3.42 0.38 -0.10
C ASN A 147 -2.74 0.45 1.26
N LEU A 148 -2.76 1.63 1.87
CA LEU A 148 -2.09 1.76 3.13
C LEU A 148 -3.16 1.81 4.22
N PHE A 149 -3.43 0.65 4.81
CA PHE A 149 -4.52 0.47 5.76
C PHE A 149 -4.14 0.84 7.18
N LEU A 150 -5.14 1.11 8.01
CA LEU A 150 -4.90 1.62 9.34
C LEU A 150 -5.70 0.78 10.30
N ASN A 151 -5.05 0.28 11.34
CA ASN A 151 -5.75 -0.50 12.33
C ASN A 151 -6.30 0.45 13.36
N GLU A 152 -6.82 -0.09 14.46
CA GLU A 152 -7.57 0.73 15.41
C GLU A 152 -6.64 1.72 16.12
N ASP A 153 -5.35 1.42 16.10
CA ASP A 153 -4.32 2.33 16.65
C ASP A 153 -3.72 3.34 15.66
N LEU A 154 -4.29 3.41 14.46
CA LEU A 154 -3.67 4.17 13.38
C LEU A 154 -2.22 3.70 13.13
N GLU A 155 -2.02 2.40 13.16
CA GLU A 155 -0.78 1.83 12.63
C GLU A 155 -0.98 1.46 11.17
N VAL A 156 0.02 1.74 10.35
CA VAL A 156 -0.06 1.44 8.92
C VAL A 156 0.15 -0.05 8.66
N LYS A 157 -0.64 -0.59 7.74
CA LYS A 157 -0.46 -1.95 7.28
C LYS A 157 -0.52 -1.92 5.77
N ILE A 158 0.60 -2.23 5.12
CA ILE A 158 0.57 -2.34 3.69
C ILE A 158 -0.25 -3.53 3.25
N GLY A 159 -1.10 -3.31 2.24
CA GLY A 159 -1.93 -4.38 1.76
C GLY A 159 -1.96 -4.40 0.24
N ASP A 160 -2.79 -5.32 -0.25
CA ASP A 160 -2.97 -5.63 -1.66
C ASP A 160 -1.70 -5.96 -2.42
N PHE A 161 -1.32 -7.23 -2.40
CA PHE A 161 -0.14 -7.65 -3.13
C PHE A 161 -0.43 -8.14 -4.54
N GLY A 162 -1.49 -7.64 -5.15
CA GLY A 162 -1.89 -8.14 -6.46
C GLY A 162 -1.05 -7.67 -7.65
N LEU A 163 -0.17 -6.69 -7.44
CA LEU A 163 0.79 -6.34 -8.49
C LEU A 163 2.22 -6.59 -8.01
N ALA A 164 2.35 -7.23 -6.84
CA ALA A 164 3.68 -7.41 -6.24
C ALA A 164 4.45 -8.46 -7.04
N THR A 165 5.77 -8.37 -7.00
CA THR A 165 6.54 -9.39 -7.69
C THR A 165 7.74 -9.74 -6.87
N LYS A 166 8.34 -10.88 -7.19
CA LYS A 166 9.42 -11.45 -6.40
C LYS A 166 10.70 -11.24 -7.19
N VAL A 167 11.72 -10.68 -6.59
CA VAL A 167 12.99 -10.56 -7.31
C VAL A 167 13.77 -11.87 -7.18
N GLU A 168 13.97 -12.53 -8.32
CA GLU A 168 14.33 -13.93 -8.33
C GLU A 168 15.84 -14.14 -8.34
N TYR A 169 16.57 -13.08 -8.72
CA TYR A 169 18.03 -13.13 -8.73
C TYR A 169 18.58 -11.72 -8.86
N ASP A 170 19.82 -11.56 -8.42
CA ASP A 170 20.42 -10.24 -8.27
C ASP A 170 20.53 -9.52 -9.60
N GLY A 171 20.11 -8.26 -9.60
CA GLY A 171 20.25 -7.45 -10.79
C GLY A 171 19.12 -7.68 -11.78
N GLU A 172 18.22 -8.61 -11.48
CA GLU A 172 17.04 -8.82 -12.33
C GLU A 172 16.35 -7.48 -12.55
N ARG A 173 15.93 -7.24 -13.79
CA ARG A 173 15.08 -6.10 -14.08
C ARG A 173 13.75 -6.61 -14.58
N LYS A 174 12.68 -6.31 -13.86
CA LYS A 174 11.36 -6.71 -14.29
C LYS A 174 11.05 -6.00 -15.60
N LYS A 175 10.67 -6.75 -16.62
CA LYS A 175 10.40 -6.11 -17.89
C LYS A 175 8.97 -5.64 -18.04
N THR A 176 8.00 -6.32 -17.41
CA THR A 176 6.62 -5.90 -17.52
C THR A 176 5.93 -5.76 -16.17
N LEU A 177 4.85 -4.99 -16.16
CA LEU A 177 4.00 -4.86 -14.99
C LEU A 177 2.58 -4.90 -15.48
N CYS A 178 1.89 -6.00 -15.19
CA CYS A 178 0.56 -6.18 -15.74
C CYS A 178 -0.48 -5.59 -14.78
N GLY A 179 -0.86 -4.36 -15.03
CA GLY A 179 -1.68 -3.62 -14.08
C GLY A 179 -1.42 -2.16 -14.36
N THR A 180 -2.16 -1.29 -13.68
CA THR A 180 -1.96 0.12 -13.89
C THR A 180 -1.84 0.76 -12.52
N PRO A 181 -0.65 0.73 -11.94
CA PRO A 181 -0.53 1.29 -10.59
C PRO A 181 -0.87 2.78 -10.57
N ASN A 182 -1.17 3.26 -9.37
CA ASN A 182 -1.53 4.66 -9.16
C ASN A 182 -0.29 5.57 -9.27
N TYR A 183 0.60 5.50 -8.28
CA TYR A 183 1.85 6.26 -8.32
C TYR A 183 2.95 5.51 -9.08
N ILE A 184 2.82 5.46 -10.40
CA ILE A 184 3.66 4.59 -11.22
C ILE A 184 4.97 5.23 -11.66
N ALA A 185 6.06 4.50 -11.48
CA ALA A 185 7.40 5.02 -11.66
C ALA A 185 7.71 5.20 -13.14
N PRO A 186 8.54 6.19 -13.46
CA PRO A 186 8.91 6.50 -14.86
C PRO A 186 9.50 5.34 -15.64
N GLU A 187 10.34 4.54 -14.98
CA GLU A 187 11.00 3.45 -15.66
C GLU A 187 10.04 2.32 -15.97
N VAL A 188 8.86 2.36 -15.36
CA VAL A 188 7.86 1.39 -15.73
C VAL A 188 7.18 1.86 -17.03
N LEU A 189 7.06 3.18 -17.19
CA LEU A 189 6.35 3.74 -18.33
C LEU A 189 7.22 3.69 -19.56
N SER A 190 8.53 3.70 -19.33
CA SER A 190 9.47 3.74 -20.42
C SER A 190 10.05 2.34 -20.61
N LYS A 191 9.43 1.37 -19.96
CA LYS A 191 9.78 -0.03 -20.18
C LYS A 191 11.29 -0.15 -20.37
N LYS A 192 12.03 0.02 -19.28
CA LYS A 192 13.50 -0.07 -19.32
C LYS A 192 13.91 -1.09 -18.27
N GLY A 193 12.91 -1.73 -17.68
CA GLY A 193 13.16 -2.66 -16.60
C GLY A 193 13.05 -1.88 -15.32
N HIS A 194 12.52 -2.51 -14.28
CA HIS A 194 12.37 -1.81 -13.03
C HIS A 194 12.64 -2.76 -11.89
N SER A 195 12.97 -2.21 -10.73
CA SER A 195 13.18 -3.03 -9.58
C SER A 195 12.67 -2.34 -8.34
N PHE A 196 13.40 -2.50 -7.25
CA PHE A 196 12.93 -2.07 -5.95
C PHE A 196 12.64 -0.57 -5.93
N GLU A 197 13.25 0.16 -6.85
CA GLU A 197 13.24 1.62 -6.82
C GLU A 197 11.87 2.21 -7.10
N VAL A 198 11.01 1.43 -7.77
CA VAL A 198 9.68 1.94 -8.09
C VAL A 198 8.92 2.16 -6.79
N ASP A 199 9.20 1.34 -5.76
CA ASP A 199 8.53 1.55 -4.49
C ASP A 199 8.94 2.86 -3.80
N VAL A 200 10.24 3.13 -3.75
CA VAL A 200 10.73 4.39 -3.22
C VAL A 200 10.12 5.54 -4.01
N TRP A 201 9.88 5.34 -5.30
CA TRP A 201 9.25 6.39 -6.09
C TRP A 201 7.83 6.64 -5.58
N SER A 202 7.06 5.57 -5.39
CA SER A 202 5.69 5.68 -4.92
C SER A 202 5.62 6.35 -3.54
N ILE A 203 6.55 6.00 -2.65
CA ILE A 203 6.60 6.63 -1.34
C ILE A 203 6.94 8.15 -1.44
N GLY A 204 7.78 8.51 -2.42
CA GLY A 204 7.93 9.92 -2.74
C GLY A 204 6.61 10.60 -3.09
N CYS A 205 5.78 9.98 -3.92
CA CYS A 205 4.47 10.56 -4.25
C CYS A 205 3.56 10.61 -3.02
N ILE A 206 3.62 9.58 -2.20
CA ILE A 206 2.82 9.51 -1.00
C ILE A 206 3.24 10.65 -0.07
N MET A 207 4.54 10.87 0.04
CA MET A 207 5.03 11.90 0.93
C MET A 207 4.55 13.25 0.42
N TYR A 208 4.67 13.46 -0.88
CA TYR A 208 4.17 14.69 -1.48
C TYR A 208 2.69 14.84 -1.19
N THR A 209 1.92 13.78 -1.41
CA THR A 209 0.49 13.89 -1.26
C THR A 209 0.12 14.16 0.17
N LEU A 210 0.80 13.49 1.10
CA LEU A 210 0.51 13.70 2.51
C LEU A 210 0.87 15.13 2.90
N LEU A 211 2.00 15.63 2.43
CA LEU A 211 2.35 16.98 2.81
C LEU A 211 1.60 18.07 2.05
N VAL A 212 1.35 17.86 0.76
CA VAL A 212 0.78 18.91 -0.08
C VAL A 212 -0.76 18.88 -0.15
N GLY A 213 -1.36 17.70 -0.05
CA GLY A 213 -2.81 17.61 -0.09
C GLY A 213 -3.34 17.16 -1.43
N LYS A 214 -2.44 17.08 -2.41
CA LYS A 214 -2.78 16.53 -3.72
C LYS A 214 -1.55 15.77 -4.23
N PRO A 215 -1.75 14.80 -5.14
CA PRO A 215 -0.70 14.01 -5.78
C PRO A 215 0.15 14.94 -6.62
N PRO A 216 1.45 14.64 -6.75
CA PRO A 216 2.41 15.42 -7.54
C PRO A 216 2.13 15.56 -9.05
N PHE A 217 1.57 14.54 -9.68
CA PHE A 217 1.47 14.57 -11.12
C PHE A 217 0.05 14.51 -11.67
N GLU A 218 -0.92 14.95 -10.86
CA GLU A 218 -2.32 14.96 -11.26
C GLU A 218 -2.60 15.80 -12.52
N THR A 219 -3.39 15.25 -13.43
CA THR A 219 -4.03 16.02 -14.51
C THR A 219 -5.39 15.36 -14.79
N SER A 220 -6.13 15.84 -15.77
CA SER A 220 -7.44 15.27 -16.01
C SER A 220 -7.36 14.01 -16.92
N CYS A 221 -6.33 13.93 -17.74
CA CYS A 221 -6.07 12.72 -18.51
C CYS A 221 -4.90 11.91 -17.96
N LEU A 222 -5.17 10.64 -17.71
CA LEU A 222 -4.16 9.74 -17.20
C LEU A 222 -2.94 9.70 -18.12
N LYS A 223 -3.18 9.81 -19.42
CA LYS A 223 -2.08 9.79 -20.37
C LYS A 223 -1.23 11.06 -20.30
N GLU A 224 -1.84 12.17 -19.89
CA GLU A 224 -1.06 13.40 -19.64
C GLU A 224 -0.23 13.26 -18.37
N THR A 225 -0.85 12.66 -17.35
CA THR A 225 -0.14 12.38 -16.13
C THR A 225 1.09 11.52 -16.41
N TYR A 226 0.95 10.48 -17.22
CA TYR A 226 2.12 9.65 -17.56
C TYR A 226 3.21 10.48 -18.21
N LEU A 227 2.78 11.34 -19.11
CA LEU A 227 3.69 12.19 -19.81
C LEU A 227 4.43 13.05 -18.80
N ARG A 228 3.69 13.62 -17.85
CA ARG A 228 4.31 14.45 -16.83
C ARG A 228 5.33 13.67 -16.00
N ILE A 229 5.01 12.42 -15.68
CA ILE A 229 5.91 11.60 -14.89
C ILE A 229 7.16 11.32 -15.69
N LYS A 230 6.97 11.01 -16.97
CA LYS A 230 8.05 10.75 -17.90
C LYS A 230 9.08 11.90 -17.93
N LYS A 231 8.58 13.14 -17.92
CA LYS A 231 9.43 14.32 -17.99
C LYS A 231 9.70 14.90 -16.61
N ASN A 232 9.25 14.21 -15.57
CA ASN A 232 9.44 14.67 -14.20
C ASN A 232 8.81 16.04 -13.95
N GLU A 233 7.66 16.27 -14.56
CA GLU A 233 7.01 17.57 -14.47
C GLU A 233 6.16 17.65 -13.20
N TYR A 234 6.70 18.28 -12.16
CA TYR A 234 5.92 18.52 -10.94
C TYR A 234 6.59 19.65 -10.17
N SER A 235 5.84 20.34 -9.34
CA SER A 235 6.43 21.39 -8.53
C SER A 235 6.01 21.29 -7.07
N ILE A 236 6.95 21.56 -6.18
CA ILE A 236 6.70 21.47 -4.75
C ILE A 236 6.38 22.87 -4.27
N PRO A 237 5.23 23.06 -3.62
CA PRO A 237 4.80 24.37 -3.11
C PRO A 237 5.82 25.00 -2.15
N LYS A 238 5.93 26.32 -2.18
CA LYS A 238 7.03 27.03 -1.54
C LYS A 238 6.94 26.93 -0.01
N HIS A 239 5.75 26.62 0.48
CA HIS A 239 5.53 26.59 1.92
C HIS A 239 5.95 25.25 2.55
N ILE A 240 6.12 24.23 1.74
CA ILE A 240 6.63 22.97 2.24
C ILE A 240 8.02 23.21 2.75
N ASN A 241 8.32 22.77 3.97
CA ASN A 241 9.63 22.99 4.53
C ASN A 241 10.73 22.44 3.66
N PRO A 242 11.90 23.06 3.71
CA PRO A 242 12.95 22.67 2.76
C PRO A 242 13.52 21.27 3.00
N VAL A 243 13.56 20.84 4.26
CA VAL A 243 14.06 19.51 4.52
C VAL A 243 13.12 18.49 3.88
N ALA A 244 11.82 18.63 4.15
CA ALA A 244 10.79 17.80 3.55
C ALA A 244 10.88 17.85 2.03
N ALA A 245 10.94 19.07 1.48
CA ALA A 245 11.00 19.29 0.05
C ALA A 245 12.20 18.57 -0.57
N SER A 246 13.34 18.68 0.10
CA SER A 246 14.53 17.91 -0.25
C SER A 246 14.26 16.40 -0.36
N LEU A 247 13.61 15.82 0.64
CA LEU A 247 13.41 14.38 0.62
C LEU A 247 12.45 13.97 -0.51
N ILE A 248 11.35 14.70 -0.67
CA ILE A 248 10.52 14.49 -1.84
C ILE A 248 11.35 14.47 -3.11
N GLN A 249 12.16 15.49 -3.33
CA GLN A 249 12.99 15.54 -4.52
C GLN A 249 13.89 14.33 -4.65
N LYS A 250 14.54 13.92 -3.57
CA LYS A 250 15.45 12.78 -3.66
C LYS A 250 14.69 11.56 -4.18
N MET A 251 13.48 11.36 -3.70
CA MET A 251 12.76 10.17 -4.08
C MET A 251 12.14 10.25 -5.47
N LEU A 252 11.62 11.42 -5.82
CA LEU A 252 10.97 11.56 -7.12
C LEU A 252 11.99 11.98 -8.15
N GLN A 253 12.95 11.12 -8.44
CA GLN A 253 13.85 11.39 -9.56
C GLN A 253 13.64 10.37 -10.66
N THR A 254 13.79 10.83 -11.90
CA THR A 254 13.60 9.98 -13.06
C THR A 254 14.57 8.81 -13.04
N ASP A 255 15.82 9.08 -12.68
CA ASP A 255 16.85 8.05 -12.65
C ASP A 255 16.72 7.18 -11.39
N PRO A 256 16.28 5.92 -11.55
CA PRO A 256 16.11 5.04 -10.37
C PRO A 256 17.39 4.84 -9.56
N THR A 257 18.54 4.88 -10.23
CA THR A 257 19.80 4.71 -9.53
C THR A 257 20.07 5.88 -8.59
N ALA A 258 19.40 7.00 -8.84
CA ALA A 258 19.61 8.24 -8.11
C ALA A 258 18.82 8.35 -6.82
N ARG A 259 17.78 7.54 -6.67
CA ARG A 259 16.84 7.73 -5.56
C ARG A 259 17.41 7.05 -4.34
N PRO A 260 17.07 7.54 -3.13
CA PRO A 260 17.50 6.75 -1.97
C PRO A 260 16.93 5.33 -1.99
N THR A 261 17.54 4.44 -1.22
CA THR A 261 17.05 3.08 -1.10
C THR A 261 16.19 3.03 0.15
N ILE A 262 15.33 2.03 0.22
CA ILE A 262 14.36 2.00 1.29
C ILE A 262 15.05 2.10 2.65
N ASN A 263 16.30 1.64 2.75
CA ASN A 263 17.02 1.63 4.03
C ASN A 263 17.72 2.95 4.34
N GLU A 264 18.09 3.69 3.31
CA GLU A 264 18.58 5.03 3.52
C GLU A 264 17.54 5.95 4.16
N LEU A 265 16.25 5.68 3.95
CA LEU A 265 15.22 6.72 4.14
C LEU A 265 15.09 7.24 5.56
N LEU A 266 15.01 6.34 6.54
CA LEU A 266 14.73 6.81 7.90
C LEU A 266 15.91 7.58 8.51
N ASN A 267 17.05 7.57 7.82
CA ASN A 267 18.19 8.35 8.25
C ASN A 267 18.17 9.75 7.69
N ASP A 268 17.17 10.03 6.88
CA ASP A 268 17.11 11.32 6.28
C ASP A 268 16.83 12.36 7.34
N GLU A 269 17.37 13.55 7.10
CA GLU A 269 17.19 14.66 8.01
C GLU A 269 15.71 14.85 8.31
N PHE A 270 14.86 14.46 7.35
CA PHE A 270 13.44 14.71 7.51
C PHE A 270 12.93 13.98 8.73
N PHE A 271 13.40 12.76 8.93
CA PHE A 271 12.97 12.00 10.10
C PHE A 271 13.81 12.36 11.32
N THR A 272 15.13 12.40 11.15
CA THR A 272 16.01 12.43 12.31
C THR A 272 16.07 13.78 12.97
N SER A 273 15.52 14.80 12.33
CA SER A 273 15.57 16.11 12.95
C SER A 273 14.21 16.68 13.20
N GLY A 274 13.20 15.86 13.03
CA GLY A 274 11.83 16.34 13.25
C GLY A 274 11.17 15.52 14.32
N TYR A 275 10.12 16.07 14.91
CA TYR A 275 9.37 15.34 15.91
C TYR A 275 8.55 14.25 15.24
N ILE A 276 8.69 13.02 15.72
CA ILE A 276 7.89 11.89 15.26
C ILE A 276 7.05 11.42 16.43
N PRO A 277 5.74 11.66 16.38
CA PRO A 277 4.82 11.22 17.44
C PRO A 277 5.04 9.74 17.71
N ALA A 278 4.81 9.30 18.94
CA ALA A 278 4.95 7.87 19.26
C ALA A 278 3.67 7.17 18.82
N ARG A 279 2.59 7.93 18.84
CA ARG A 279 1.28 7.47 18.42
C ARG A 279 0.39 8.70 18.16
N LEU A 280 -0.64 8.54 17.34
CA LEU A 280 -1.61 9.60 17.12
C LEU A 280 -2.91 9.25 17.81
N PRO A 281 -3.63 10.27 18.28
CA PRO A 281 -5.00 10.14 18.79
C PRO A 281 -6.02 10.04 17.65
N ILE A 282 -7.05 9.26 17.88
CA ILE A 282 -8.09 9.07 16.88
C ILE A 282 -8.68 10.37 16.37
N THR A 283 -8.63 11.40 17.21
CA THR A 283 -9.10 12.71 16.80
C THR A 283 -8.46 13.11 15.47
N CYS A 284 -7.26 12.62 15.19
CA CYS A 284 -6.55 13.13 14.03
C CYS A 284 -7.13 12.59 12.73
N LEU A 285 -8.03 11.62 12.83
CA LEU A 285 -8.82 11.20 11.68
C LEU A 285 -9.57 12.39 11.09
N THR A 286 -9.95 13.33 11.96
CA THR A 286 -10.86 14.43 11.57
C THR A 286 -10.35 15.82 11.95
N ILE A 287 -9.52 15.88 13.00
CA ILE A 287 -9.06 17.14 13.57
C ILE A 287 -7.53 17.17 13.51
N PRO A 288 -6.95 18.20 12.89
CA PRO A 288 -5.48 18.32 12.97
C PRO A 288 -4.97 18.42 14.40
N PRO A 289 -3.91 17.67 14.70
CA PRO A 289 -3.36 17.69 16.07
C PRO A 289 -2.40 18.84 16.23
N ARG A 290 -2.39 19.43 17.42
CA ARG A 290 -1.44 20.53 17.66
C ARG A 290 -0.21 20.03 18.42
N PHE A 291 -0.28 18.81 18.94
CA PHE A 291 0.87 18.20 19.61
C PHE A 291 1.35 19.10 20.73
N SER A 292 0.39 19.63 21.48
CA SER A 292 0.72 20.52 22.58
C SER A 292 1.42 19.72 23.70
N ILE A 293 2.15 20.44 24.54
CA ILE A 293 3.10 19.84 25.45
C ILE A 293 2.45 19.35 26.75
N ALA A 294 1.40 20.03 27.18
CA ALA A 294 0.64 19.55 28.31
C ALA A 294 -0.77 20.12 28.28
N PRO A 295 -1.63 19.60 29.02
N1 937 B . -8.96 -4.39 6.35
C2 937 B . -9.65 -3.59 5.64
N3 937 B . -9.69 -3.72 4.24
C4 937 B . -8.20 -5.43 5.74
C5 937 B . -8.23 -5.55 4.40
C6 937 B . -9.04 -4.61 3.62
C7 937 B . -7.04 -6.27 2.20
C8 937 B . -7.44 -6.65 3.68
C9 937 B . -8.02 -5.32 1.52
C10 937 B . -8.94 -4.63 2.17
N11 937 B . -9.67 -3.91 1.21
N12 937 B . -9.17 -4.18 -0.03
C13 937 B . -8.18 -5.00 0.10
N14 937 B . -10.35 -2.51 6.18
C15 937 B . -7.36 -5.48 -1.04
O16 937 B . -6.49 -6.34 -0.90
C17 937 B . -11.26 -1.57 5.55
C18 937 B . -10.84 -0.88 4.46
C19 937 B . -11.74 0.12 3.78
C20 937 B . -13.00 0.31 4.28
C21 937 B . -13.47 -0.44 5.44
C22 937 B . -12.65 -1.33 6.07
O23 937 B . -13.07 -2.07 7.20
C24 937 B . -13.38 -1.35 8.41
F25 937 B . -14.65 -0.86 8.33
F26 937 B . -13.30 -2.21 9.51
F27 937 B . -12.53 -0.27 8.61
N28 937 B . -7.57 -4.93 -2.31
C29 937 B . -10.76 -3.00 1.48
C30 937 B . -11.82 -3.09 0.39
O31 937 B . -11.59 -2.02 -0.54
N32 937 B . -11.31 0.86 2.63
C33 937 B . -12.31 1.29 1.63
C34 937 B . -11.73 1.60 0.23
N35 937 B . -10.40 2.24 0.31
C36 937 B . -9.46 1.32 1.01
C37 937 B . -9.89 1.19 2.50
C38 937 B . -9.89 2.48 -1.04
ZN ZN C . -0.96 -9.50 -18.41
O1 TLA D . -6.87 -11.22 -22.50
O11 TLA D . -5.67 -9.56 -23.39
C1 TLA D . -5.83 -10.34 -22.40
C2 TLA D . -4.97 -10.41 -21.03
O2 TLA D . -5.70 -11.31 -20.17
C3 TLA D . -4.82 -8.99 -20.29
O3 TLA D . -6.12 -8.43 -20.08
C4 TLA D . -4.12 -8.99 -18.82
O4 TLA D . -2.93 -9.23 -18.55
O41 TLA D . -4.92 -8.72 -17.75
#